data_8G19
#
_entry.id   8G19
#
_cell.length_a   79.839
_cell.length_b   70.609
_cell.length_c   87.680
_cell.angle_alpha   90.000
_cell.angle_beta   108.950
_cell.angle_gamma   90.000
#
_symmetry.space_group_name_H-M   'C 1 2 1'
#
loop_
_entity.id
_entity.type
_entity.pdbx_description
1 polymer 'Light chain of anti-influenza human 4C05 Fab fragment'
2 polymer 'Heavy chain of anti-influenza human 4C05 Fab fragment'
3 water water
#
loop_
_entity_poly.entity_id
_entity_poly.type
_entity_poly.pdbx_seq_one_letter_code
_entity_poly.pdbx_strand_id
1 'polypeptide(L)'
;SYELTQPPSVSVAPGKTAIITCGGNNIGSKSVQWYQRKPGQAPVLVIYYNRDRPSGIPERFSGSNSGNTATLTISRVEAG
DEADYYCQVWDRNIDPHFGTGTEVTVLGQPKANPTVTLFPPSSEELQANKATLVCLISDFYPGAVTVAWKADSSPVKAGV
ETTTPSKQSNNKYAASSYLSLTPEQWKSHRSYSCQVTHEGSTVEKTVAL
;
L
2 'polypeptide(L)'
;QVQLQESRPGLVKPSETLSLSCTVSGGSMRSYYWSWIRQSPGKGLEWIGYVYYSGGTEYNPSLKSRVIISVDTSKNQFSL
NLSSVSAADTAVYYCARGVSALVSVDYYYYYMDVWGKGTTVTVSSASTKGPSVFPLAPSSKSTSGGTAALGCLVKDYFPE
PVTVSWNSGALTSGVHTFPAVLQSSGLYSLSSVVTVPSSSLGTQTYICNVNHKPSNTKVDKRVEP
;
H
#
# COMPACT_ATOMS: atom_id res chain seq x y z
N TYR A 2 -12.69 -6.02 -26.21
CA TYR A 2 -11.40 -5.40 -26.47
C TYR A 2 -10.44 -5.65 -25.31
N GLU A 3 -9.15 -5.79 -25.63
CA GLU A 3 -8.16 -6.15 -24.63
C GLU A 3 -6.82 -5.50 -24.96
N LEU A 4 -6.18 -4.91 -23.95
CA LEU A 4 -4.85 -4.33 -24.06
C LEU A 4 -3.84 -5.25 -23.39
N THR A 5 -2.67 -5.42 -24.03
CA THR A 5 -1.62 -6.26 -23.49
C THR A 5 -0.37 -5.44 -23.25
N GLN A 6 0.36 -5.79 -22.20
CA GLN A 6 1.61 -5.16 -21.82
C GLN A 6 2.59 -6.22 -21.38
N PRO A 7 3.89 -6.00 -21.61
CA PRO A 7 4.89 -6.91 -21.06
C PRO A 7 4.86 -6.85 -19.55
N PRO A 8 5.09 -7.97 -18.87
CA PRO A 8 5.02 -7.96 -17.41
C PRO A 8 6.07 -7.08 -16.76
N SER A 9 7.28 -7.02 -17.30
CA SER A 9 8.34 -6.27 -16.65
C SER A 9 9.29 -5.68 -17.68
N VAL A 10 10.05 -4.69 -17.23
CA VAL A 10 11.03 -3.99 -18.05
C VAL A 10 12.20 -3.62 -17.16
N SER A 11 13.40 -4.06 -17.53
CA SER A 11 14.61 -3.81 -16.76
C SER A 11 15.51 -2.84 -17.51
N VAL A 12 16.05 -1.85 -16.79
CA VAL A 12 16.86 -0.82 -17.42
C VAL A 12 17.90 -0.35 -16.42
N ALA A 13 19.11 -0.04 -16.92
CA ALA A 13 20.12 0.51 -16.03
C ALA A 13 19.92 2.02 -15.88
N PRO A 14 20.35 2.60 -14.76
CA PRO A 14 20.11 4.03 -14.54
C PRO A 14 20.73 4.89 -15.63
N GLY A 15 20.09 6.03 -15.89
CA GLY A 15 20.50 6.91 -16.95
C GLY A 15 20.10 6.48 -18.33
N LYS A 16 19.72 5.22 -18.53
CA LYS A 16 19.30 4.74 -19.84
C LYS A 16 17.80 4.96 -20.03
N THR A 17 17.28 4.48 -21.16
CA THR A 17 15.91 4.77 -21.57
C THR A 17 15.07 3.52 -21.42
N ALA A 18 14.02 3.59 -20.61
CA ALA A 18 13.07 2.50 -20.45
C ALA A 18 11.92 2.67 -21.45
N ILE A 19 11.58 1.59 -22.14
CA ILE A 19 10.53 1.59 -23.15
C ILE A 19 9.45 0.60 -22.73
N ILE A 20 8.25 1.11 -22.48
CA ILE A 20 7.09 0.32 -22.06
C ILE A 20 6.10 0.32 -23.21
N THR A 21 5.60 -0.86 -23.57
CA THR A 21 4.69 -0.99 -24.70
C THR A 21 3.31 -1.43 -24.22
N CYS A 22 2.31 -1.06 -25.01
CA CYS A 22 0.90 -1.35 -24.75
C CYS A 22 0.28 -1.79 -26.07
N GLY A 23 -0.13 -3.05 -26.15
CA GLY A 23 -0.62 -3.61 -27.39
C GLY A 23 -2.13 -3.65 -27.42
N GLY A 24 -2.70 -3.21 -28.54
CA GLY A 24 -4.13 -3.29 -28.75
C GLY A 24 -4.47 -3.07 -30.20
N ASN A 25 -5.43 -3.84 -30.69
CA ASN A 25 -5.83 -3.75 -32.09
C ASN A 25 -6.32 -2.34 -32.40
N ASN A 26 -5.68 -1.69 -33.37
CA ASN A 26 -6.02 -0.33 -33.77
C ASN A 26 -5.97 0.64 -32.59
N ILE A 27 -5.02 0.40 -31.67
CA ILE A 27 -4.87 1.31 -30.54
C ILE A 27 -4.48 2.71 -31.01
N GLY A 28 -3.85 2.81 -32.18
CA GLY A 28 -3.38 4.09 -32.67
C GLY A 28 -4.49 5.10 -32.93
N SER A 29 -5.73 4.63 -33.07
CA SER A 29 -6.86 5.54 -33.23
C SER A 29 -7.72 5.65 -31.97
N LYS A 30 -7.16 5.28 -30.82
CA LYS A 30 -7.81 5.47 -29.53
C LYS A 30 -6.90 6.29 -28.63
N SER A 31 -7.49 7.09 -27.75
CA SER A 31 -6.70 7.96 -26.88
C SER A 31 -6.13 7.12 -25.74
N VAL A 32 -4.80 7.07 -25.66
CA VAL A 32 -4.11 6.29 -24.64
C VAL A 32 -3.68 7.21 -23.50
N GLN A 33 -3.99 6.80 -22.27
CA GLN A 33 -3.50 7.43 -21.05
C GLN A 33 -2.54 6.47 -20.37
N TRP A 34 -1.59 7.00 -19.60
CA TRP A 34 -0.69 6.16 -18.82
C TRP A 34 -0.77 6.54 -17.36
N TYR A 35 -0.81 5.54 -16.48
CA TYR A 35 -0.85 5.75 -15.04
C TYR A 35 0.33 5.05 -14.39
N GLN A 36 0.92 5.72 -13.40
CA GLN A 36 2.03 5.20 -12.62
C GLN A 36 1.52 4.84 -11.22
N ARG A 37 1.83 3.63 -10.75
CA ARG A 37 1.43 3.26 -9.40
C ARG A 37 2.61 2.66 -8.66
N LYS A 38 2.98 3.28 -7.57
CA LYS A 38 4.00 2.81 -6.66
C LYS A 38 3.36 2.04 -5.52
N PRO A 39 4.10 1.14 -4.87
CA PRO A 39 3.49 0.28 -3.84
C PRO A 39 2.86 1.11 -2.73
N GLY A 40 1.64 0.74 -2.35
CA GLY A 40 0.92 1.41 -1.29
C GLY A 40 0.40 2.79 -1.62
N GLN A 41 0.43 3.20 -2.90
CA GLN A 41 0.03 4.54 -3.27
C GLN A 41 -1.02 4.46 -4.37
N ALA A 42 -1.80 5.51 -4.50
CA ALA A 42 -2.82 5.55 -5.54
C ALA A 42 -2.17 5.81 -6.90
N PRO A 43 -2.85 5.42 -7.99
CA PRO A 43 -2.32 5.70 -9.34
C PRO A 43 -2.20 7.19 -9.59
N VAL A 44 -1.23 7.56 -10.43
CA VAL A 44 -0.98 8.94 -10.84
C VAL A 44 -0.99 9.00 -12.37
N LEU A 45 -1.78 9.92 -12.93
CA LEU A 45 -1.81 10.13 -14.37
C LEU A 45 -0.49 10.77 -14.82
N VAL A 46 0.22 10.12 -15.75
CA VAL A 46 1.48 10.67 -16.24
C VAL A 46 1.39 11.13 -17.70
N ILE A 47 0.49 10.56 -18.48
CA ILE A 47 0.32 10.89 -19.90
C ILE A 47 -1.16 10.80 -20.22
N TYR A 48 -1.69 11.79 -20.94
CA TYR A 48 -3.05 11.68 -21.47
C TYR A 48 -3.05 12.06 -22.95
N TYR A 49 -4.05 11.58 -23.67
CA TYR A 49 -4.18 11.82 -25.11
C TYR A 49 -2.87 11.51 -25.83
N ASN A 50 -2.36 10.30 -25.57
CA ASN A 50 -1.16 9.73 -26.19
C ASN A 50 0.16 10.34 -25.74
N ARG A 51 0.23 11.66 -25.57
CA ARG A 51 1.53 12.31 -25.42
C ARG A 51 1.54 13.53 -24.51
N ASP A 52 0.42 13.92 -23.91
CA ASP A 52 0.37 15.12 -23.10
C ASP A 52 0.69 14.82 -21.64
N ARG A 53 1.42 15.73 -20.99
CA ARG A 53 1.79 15.54 -19.59
C ARG A 53 1.04 16.51 -18.69
N PRO A 54 0.39 16.02 -17.64
CA PRO A 54 -0.18 16.94 -16.63
C PRO A 54 0.92 17.75 -15.97
N SER A 55 0.49 18.84 -15.34
CA SER A 55 1.41 19.73 -14.65
C SER A 55 2.28 18.95 -13.67
N GLY A 56 3.58 19.19 -13.73
CA GLY A 56 4.49 18.58 -12.77
C GLY A 56 5.04 17.22 -13.14
N ILE A 57 4.57 16.60 -14.21
CA ILE A 57 5.19 15.37 -14.69
C ILE A 57 6.44 15.74 -15.49
N PRO A 58 7.60 15.15 -15.20
CA PRO A 58 8.84 15.57 -15.87
C PRO A 58 8.85 15.20 -17.35
N GLU A 59 9.58 15.99 -18.17
CA GLU A 59 9.54 15.68 -19.60
C GLU A 59 10.30 14.40 -19.93
N ARG A 60 10.95 13.77 -18.95
CA ARG A 60 11.54 12.44 -19.14
C ARG A 60 10.49 11.42 -19.54
N PHE A 61 9.24 11.63 -19.16
CA PHE A 61 8.14 10.74 -19.52
C PHE A 61 7.55 11.22 -20.84
N SER A 62 7.66 10.40 -21.88
CA SER A 62 7.11 10.79 -23.17
C SER A 62 6.25 9.66 -23.72
N GLY A 63 5.20 10.05 -24.42
CA GLY A 63 4.23 9.11 -24.95
C GLY A 63 4.12 9.17 -26.45
N SER A 64 3.86 8.02 -27.05
CA SER A 64 3.66 7.89 -28.48
C SER A 64 2.57 6.85 -28.72
N ASN A 65 1.88 6.97 -29.84
CA ASN A 65 0.81 6.02 -30.14
C ASN A 65 0.58 5.97 -31.64
N SER A 66 0.60 4.76 -32.20
CA SER A 66 0.39 4.58 -33.63
C SER A 66 0.21 3.09 -33.91
N GLY A 67 -0.63 2.79 -34.90
CA GLY A 67 -0.89 1.41 -35.28
C GLY A 67 -1.51 0.56 -34.20
N ASN A 68 -0.78 -0.49 -33.80
CA ASN A 68 -1.28 -1.43 -32.80
C ASN A 68 -0.48 -1.39 -31.51
N THR A 69 0.35 -0.36 -31.32
CA THR A 69 1.25 -0.28 -30.19
C THR A 69 1.39 1.16 -29.74
N ALA A 70 1.15 1.41 -28.46
CA ALA A 70 1.47 2.68 -27.82
C ALA A 70 2.67 2.47 -26.91
N THR A 71 3.44 3.53 -26.71
CA THR A 71 4.71 3.44 -26.01
C THR A 71 4.85 4.55 -25.00
N LEU A 72 5.26 4.19 -23.78
CA LEU A 72 5.69 5.14 -22.77
C LEU A 72 7.21 5.04 -22.65
N THR A 73 7.90 6.14 -22.97
CA THR A 73 9.35 6.17 -22.91
C THR A 73 9.77 6.97 -21.69
N ILE A 74 10.68 6.40 -20.89
CA ILE A 74 11.21 7.07 -19.70
C ILE A 74 12.70 7.28 -19.93
N SER A 75 13.10 8.51 -20.25
CA SER A 75 14.51 8.82 -20.45
C SER A 75 15.19 9.09 -19.11
N ARG A 76 16.52 8.87 -19.09
CA ARG A 76 17.36 9.15 -17.92
C ARG A 76 16.75 8.56 -16.65
N VAL A 77 16.46 7.25 -16.69
CA VAL A 77 15.75 6.61 -15.59
C VAL A 77 16.54 6.76 -14.30
N GLU A 78 15.83 6.82 -13.19
CA GLU A 78 16.42 6.83 -11.86
C GLU A 78 15.62 5.91 -10.97
N ALA A 79 16.15 5.67 -9.76
CA ALA A 79 15.53 4.73 -8.84
C ALA A 79 14.07 5.11 -8.55
N GLY A 80 13.78 6.42 -8.49
CA GLY A 80 12.43 6.87 -8.19
C GLY A 80 11.40 6.51 -9.24
N ASP A 81 11.82 6.06 -10.42
CA ASP A 81 10.88 5.71 -11.49
C ASP A 81 10.38 4.28 -11.38
N GLU A 82 10.96 3.45 -10.50
CA GLU A 82 10.49 2.09 -10.34
C GLU A 82 9.03 2.10 -9.87
N ALA A 83 8.16 1.47 -10.65
CA ALA A 83 6.73 1.51 -10.39
C ALA A 83 6.07 0.53 -11.34
N ASP A 84 4.75 0.36 -11.17
CA ASP A 84 3.90 -0.34 -12.12
C ASP A 84 3.25 0.71 -13.03
N TYR A 85 3.35 0.53 -14.34
CA TYR A 85 2.79 1.48 -15.31
C TYR A 85 1.66 0.81 -16.10
N TYR A 86 0.48 1.43 -16.07
CA TYR A 86 -0.71 0.91 -16.75
C TYR A 86 -1.09 1.82 -17.90
N CYS A 87 -1.28 1.24 -19.08
CA CYS A 87 -1.90 1.99 -20.15
C CYS A 87 -3.41 1.87 -20.05
N GLN A 88 -4.10 2.78 -20.74
CA GLN A 88 -5.56 2.84 -20.72
C GLN A 88 -6.03 3.45 -22.02
N VAL A 89 -7.12 2.92 -22.57
CA VAL A 89 -7.85 3.62 -23.62
C VAL A 89 -9.21 4.02 -23.06
N TRP A 90 -9.63 5.25 -23.35
CA TRP A 90 -10.94 5.75 -22.97
C TRP A 90 -11.19 7.00 -23.80
N ASP A 91 -12.18 6.95 -24.68
CA ASP A 91 -12.56 8.11 -25.49
C ASP A 91 -14.00 7.93 -25.94
N ARG A 92 -14.43 8.79 -26.87
CA ARG A 92 -15.81 8.78 -27.35
C ARG A 92 -16.26 7.39 -27.79
N ASN A 93 -15.35 6.56 -28.30
CA ASN A 93 -15.72 5.32 -28.97
C ASN A 93 -15.40 4.06 -28.17
N ILE A 94 -14.88 4.18 -26.96
CA ILE A 94 -14.60 2.98 -26.18
C ILE A 94 -14.61 3.32 -24.69
N ASP A 95 -15.23 2.44 -23.90
CA ASP A 95 -15.25 2.54 -22.45
C ASP A 95 -13.85 2.25 -21.89
N PRO A 96 -13.59 2.62 -20.64
CA PRO A 96 -12.22 2.46 -20.11
C PRO A 96 -11.77 1.01 -20.13
N HIS A 97 -10.58 0.79 -20.69
CA HIS A 97 -9.89 -0.50 -20.59
C HIS A 97 -8.48 -0.22 -20.10
N PHE A 98 -7.99 -1.04 -19.16
CA PHE A 98 -6.63 -0.94 -18.67
C PHE A 98 -5.77 -2.06 -19.23
N GLY A 99 -4.52 -1.76 -19.50
CA GLY A 99 -3.55 -2.81 -19.76
C GLY A 99 -3.22 -3.56 -18.49
N THR A 100 -2.49 -4.66 -18.65
CA THR A 100 -2.19 -5.52 -17.51
C THR A 100 -1.11 -4.96 -16.61
N GLY A 101 -0.39 -3.92 -17.03
CA GLY A 101 0.63 -3.32 -16.18
C GLY A 101 2.04 -3.82 -16.42
N THR A 102 3.00 -2.91 -16.53
CA THR A 102 4.41 -3.25 -16.71
C THR A 102 5.18 -2.73 -15.49
N GLU A 103 5.84 -3.64 -14.76
CA GLU A 103 6.65 -3.21 -13.63
C GLU A 103 8.04 -2.85 -14.15
N VAL A 104 8.52 -1.66 -13.78
CA VAL A 104 9.83 -1.18 -14.20
C VAL A 104 10.79 -1.35 -13.04
N THR A 105 11.85 -2.12 -13.24
CA THR A 105 12.91 -2.26 -12.26
C THR A 105 14.22 -1.74 -12.84
N VAL A 106 14.96 -1.01 -12.00
CA VAL A 106 16.21 -0.38 -12.42
C VAL A 106 17.36 -1.25 -11.93
N LEU A 107 18.27 -1.59 -12.85
CA LEU A 107 19.38 -2.49 -12.61
C LEU A 107 20.52 -1.80 -11.88
N GLY A 108 21.44 -2.61 -11.35
CA GLY A 108 22.66 -2.10 -10.78
C GLY A 108 22.53 -1.36 -9.47
N GLN A 109 21.41 -1.51 -8.77
CA GLN A 109 21.29 -0.87 -7.47
C GLN A 109 22.22 -1.56 -6.48
N PRO A 110 22.89 -0.81 -5.62
CA PRO A 110 23.90 -1.41 -4.74
C PRO A 110 23.23 -2.26 -3.67
N LYS A 111 23.76 -3.48 -3.47
CA LYS A 111 23.25 -4.35 -2.43
C LYS A 111 23.38 -3.67 -1.07
N ALA A 112 22.47 -4.02 -0.16
CA ALA A 112 22.41 -3.37 1.13
C ALA A 112 22.15 -4.44 2.18
N ASN A 113 22.95 -4.43 3.24
CA ASN A 113 22.77 -5.44 4.26
C ASN A 113 21.68 -5.01 5.24
N PRO A 114 20.90 -5.94 5.77
CA PRO A 114 19.74 -5.55 6.59
C PRO A 114 20.16 -4.96 7.92
N THR A 115 19.40 -3.95 8.34
CA THR A 115 19.39 -3.50 9.73
C THR A 115 18.36 -4.33 10.48
N VAL A 116 18.72 -4.79 11.68
CA VAL A 116 17.86 -5.66 12.46
C VAL A 116 17.65 -5.05 13.84
N THR A 117 16.38 -4.89 14.21
CA THR A 117 16.03 -4.38 15.53
C THR A 117 15.15 -5.40 16.20
N LEU A 118 15.53 -5.82 17.42
CA LEU A 118 14.82 -6.88 18.14
C LEU A 118 14.31 -6.32 19.47
N PHE A 119 13.00 -6.46 19.71
CA PHE A 119 12.35 -6.02 20.95
C PHE A 119 11.87 -7.22 21.77
N PRO A 120 12.07 -7.19 23.08
CA PRO A 120 11.50 -8.21 23.96
C PRO A 120 10.03 -7.91 24.24
N PRO A 121 9.31 -8.85 24.86
CA PRO A 121 7.93 -8.56 25.28
C PRO A 121 7.87 -7.37 26.23
N SER A 122 6.87 -6.51 26.02
CA SER A 122 6.67 -5.40 26.93
C SER A 122 6.15 -5.89 28.28
N SER A 123 6.41 -5.10 29.33
CA SER A 123 5.86 -5.44 30.63
C SER A 123 4.32 -5.44 30.59
N GLU A 124 3.73 -4.54 29.81
CA GLU A 124 2.27 -4.51 29.64
C GLU A 124 1.75 -5.83 29.06
N GLU A 125 2.40 -6.32 28.01
CA GLU A 125 1.94 -7.55 27.39
C GLU A 125 2.10 -8.73 28.34
N LEU A 126 3.22 -8.78 29.06
CA LEU A 126 3.43 -9.85 30.02
C LEU A 126 2.35 -9.85 31.10
N GLN A 127 1.98 -8.68 31.59
CA GLN A 127 0.95 -8.68 32.63
C GLN A 127 -0.42 -8.98 32.08
N ALA A 128 -0.58 -8.93 30.75
CA ALA A 128 -1.74 -9.47 30.07
C ALA A 128 -1.59 -10.95 29.73
N ASN A 129 -0.58 -11.62 30.31
CA ASN A 129 -0.38 -13.07 30.14
C ASN A 129 -0.10 -13.45 28.69
N LYS A 130 0.58 -12.58 27.95
CA LYS A 130 1.01 -12.89 26.58
C LYS A 130 2.45 -12.39 26.40
N ALA A 131 3.09 -12.87 25.35
CA ALA A 131 4.47 -12.49 25.08
C ALA A 131 4.74 -12.54 23.58
N THR A 132 5.37 -11.49 23.05
CA THR A 132 5.69 -11.45 21.63
C THR A 132 7.07 -10.86 21.49
N LEU A 133 7.98 -11.58 20.80
CA LEU A 133 9.26 -11.00 20.39
C LEU A 133 9.10 -10.43 18.98
N VAL A 134 9.65 -9.23 18.77
CA VAL A 134 9.44 -8.49 17.52
C VAL A 134 10.80 -8.24 16.88
N CYS A 135 11.00 -8.80 15.69
CA CYS A 135 12.24 -8.67 14.93
C CYS A 135 11.97 -7.87 13.67
N LEU A 136 12.48 -6.64 13.61
CA LEU A 136 12.20 -5.72 12.52
C LEU A 136 13.43 -5.63 11.63
N ILE A 137 13.23 -5.79 10.32
CA ILE A 137 14.32 -5.91 9.36
C ILE A 137 14.13 -4.87 8.27
N SER A 138 15.10 -3.96 8.11
CA SER A 138 14.94 -2.85 7.17
C SER A 138 16.19 -2.65 6.31
N ASP A 139 15.98 -1.98 5.18
CA ASP A 139 17.08 -1.42 4.37
C ASP A 139 17.99 -2.49 3.78
N PHE A 140 17.42 -3.61 3.33
CA PHE A 140 18.20 -4.59 2.59
C PHE A 140 17.80 -4.54 1.12
N TYR A 141 18.77 -4.70 0.22
CA TYR A 141 18.33 -4.48 -1.16
C TYR A 141 18.21 -5.73 -2.02
N PRO A 142 19.21 -6.65 -2.04
CA PRO A 142 19.12 -7.79 -2.97
C PRO A 142 17.75 -8.44 -3.05
N GLY A 143 16.90 -8.27 -2.03
CA GLY A 143 15.47 -8.43 -2.23
C GLY A 143 14.70 -9.36 -1.32
N ALA A 144 15.40 -10.29 -0.67
CA ALA A 144 14.79 -11.36 0.10
C ALA A 144 15.66 -11.66 1.31
N VAL A 145 15.04 -12.26 2.33
CA VAL A 145 15.72 -12.67 3.55
C VAL A 145 15.06 -13.95 4.02
N THR A 146 15.78 -14.71 4.84
CA THR A 146 15.18 -15.74 5.64
C THR A 146 15.46 -15.45 7.09
N VAL A 147 14.53 -15.84 7.95
CA VAL A 147 14.62 -15.54 9.38
C VAL A 147 14.52 -16.84 10.15
N ALA A 148 15.45 -17.03 11.07
CA ALA A 148 15.43 -18.14 11.99
C ALA A 148 15.48 -17.59 13.40
N TRP A 149 14.84 -18.29 14.32
CA TRP A 149 14.80 -17.92 15.73
C TRP A 149 15.44 -19.01 16.56
N LYS A 150 16.06 -18.62 17.67
CA LYS A 150 16.58 -19.57 18.64
C LYS A 150 16.19 -19.18 20.06
N ALA A 151 15.96 -20.21 20.88
CA ALA A 151 15.83 -20.07 22.33
C ALA A 151 17.09 -20.65 22.93
N ASP A 152 17.79 -19.85 23.72
CA ASP A 152 19.16 -20.12 24.10
C ASP A 152 19.95 -20.40 22.82
N SER A 153 20.30 -21.65 22.57
CA SER A 153 21.05 -22.02 21.38
C SER A 153 20.29 -22.97 20.46
N SER A 154 19.02 -23.26 20.75
CA SER A 154 18.33 -24.27 19.97
C SER A 154 17.29 -23.65 19.05
N PRO A 155 17.14 -24.18 17.84
CA PRO A 155 16.18 -23.60 16.89
C PRO A 155 14.75 -23.67 17.40
N VAL A 156 14.04 -22.57 17.26
CA VAL A 156 12.65 -22.40 17.66
C VAL A 156 11.82 -22.23 16.40
N LYS A 157 11.02 -23.23 16.08
CA LYS A 157 9.89 -23.01 15.19
C LYS A 157 8.66 -23.60 15.88
N ALA A 158 7.51 -23.04 15.52
CA ALA A 158 6.26 -22.98 16.26
C ALA A 158 6.25 -21.61 16.93
N GLY A 159 5.28 -20.78 16.56
CA GLY A 159 5.17 -19.45 17.07
C GLY A 159 5.78 -18.39 16.18
N VAL A 160 6.48 -18.79 15.11
CA VAL A 160 7.17 -17.85 14.24
C VAL A 160 6.27 -17.50 13.07
N GLU A 161 6.09 -16.21 12.81
CA GLU A 161 5.44 -15.73 11.61
C GLU A 161 6.29 -14.61 11.03
N THR A 162 6.60 -14.70 9.74
CA THR A 162 7.46 -13.75 9.08
C THR A 162 6.78 -13.21 7.84
N THR A 163 6.83 -11.90 7.66
CA THR A 163 6.20 -11.25 6.52
C THR A 163 7.00 -11.48 5.24
N THR A 164 6.30 -11.35 4.12
CA THR A 164 6.97 -11.18 2.84
C THR A 164 7.78 -9.89 2.87
N PRO A 165 8.82 -9.79 2.06
CA PRO A 165 9.49 -8.50 1.90
C PRO A 165 8.57 -7.52 1.21
N SER A 166 8.71 -6.26 1.60
CA SER A 166 7.91 -5.17 1.04
C SER A 166 8.83 -4.03 0.63
N LYS A 167 8.64 -3.53 -0.58
CA LYS A 167 9.42 -2.41 -1.08
C LYS A 167 9.26 -1.19 -0.18
N GLN A 168 10.38 -0.60 0.22
CA GLN A 168 10.39 0.65 0.95
C GLN A 168 10.38 1.85 0.00
N SER A 169 10.34 3.04 0.60
CA SER A 169 10.43 4.29 -0.15
C SER A 169 11.66 4.29 -1.05
N ASN A 170 12.80 3.90 -0.49
CA ASN A 170 14.09 4.01 -1.16
C ASN A 170 14.40 2.81 -2.03
N ASN A 171 13.39 2.06 -2.46
CA ASN A 171 13.49 0.88 -3.31
C ASN A 171 14.20 -0.27 -2.61
N LYS A 172 14.68 -0.08 -1.38
CA LYS A 172 15.13 -1.18 -0.55
C LYS A 172 13.92 -1.93 0.01
N TYR A 173 14.17 -2.97 0.82
CA TYR A 173 13.10 -3.85 1.25
C TYR A 173 13.09 -3.95 2.77
N ALA A 174 11.89 -4.19 3.31
CA ALA A 174 11.69 -4.36 4.74
C ALA A 174 10.92 -5.64 4.99
N ALA A 175 11.10 -6.20 6.18
CA ALA A 175 10.33 -7.36 6.58
C ALA A 175 10.30 -7.39 8.10
N SER A 176 9.42 -8.25 8.64
CA SER A 176 9.18 -8.40 10.06
C SER A 176 9.05 -9.87 10.39
N SER A 177 9.52 -10.25 11.57
CA SER A 177 9.30 -11.60 12.06
C SER A 177 8.89 -11.53 13.52
N TYR A 178 7.91 -12.34 13.88
CA TYR A 178 7.36 -12.35 15.23
C TYR A 178 7.46 -13.75 15.82
N LEU A 179 7.84 -13.83 17.09
CA LEU A 179 7.83 -15.09 17.84
C LEU A 179 6.83 -14.95 18.98
N SER A 180 5.74 -15.71 18.91
CA SER A 180 4.75 -15.71 19.98
C SER A 180 5.08 -16.81 20.98
N LEU A 181 5.01 -16.49 22.27
CA LEU A 181 5.35 -17.46 23.30
C LEU A 181 4.58 -17.11 24.57
N THR A 182 4.55 -18.06 25.51
CA THR A 182 3.93 -17.77 26.79
C THR A 182 4.90 -16.98 27.67
N PRO A 183 4.39 -16.21 28.62
CA PRO A 183 5.30 -15.55 29.59
C PRO A 183 6.22 -16.52 30.29
N GLU A 184 5.80 -17.78 30.47
CA GLU A 184 6.64 -18.76 31.14
C GLU A 184 7.78 -19.23 30.24
N GLN A 185 7.48 -19.47 28.97
CA GLN A 185 8.54 -19.74 27.99
C GLN A 185 9.56 -18.61 27.98
N TRP A 186 9.09 -17.36 27.97
CA TRP A 186 10.00 -16.22 27.89
C TRP A 186 10.94 -16.18 29.08
N LYS A 187 10.41 -16.32 30.30
CA LYS A 187 11.27 -16.18 31.47
C LYS A 187 12.06 -17.44 31.81
N SER A 188 11.73 -18.59 31.22
CA SER A 188 12.44 -19.82 31.55
C SER A 188 13.79 -19.91 30.85
N HIS A 189 13.95 -19.28 29.68
CA HIS A 189 15.19 -19.37 28.93
C HIS A 189 16.13 -18.24 29.34
N ARG A 190 17.40 -18.36 28.94
CA ARG A 190 18.36 -17.30 29.24
C ARG A 190 18.36 -16.19 28.20
N SER A 191 18.12 -16.54 26.93
CA SER A 191 18.05 -15.55 25.87
C SER A 191 17.28 -16.13 24.69
N TYR A 192 16.85 -15.22 23.81
CA TYR A 192 16.29 -15.57 22.51
C TYR A 192 17.02 -14.77 21.46
N SER A 193 17.10 -15.30 20.25
CA SER A 193 17.82 -14.63 19.17
C SER A 193 17.00 -14.68 17.90
N CYS A 194 17.01 -13.58 17.16
CA CYS A 194 16.47 -13.50 15.81
C CYS A 194 17.64 -13.46 14.84
N GLN A 195 17.68 -14.40 13.90
CA GLN A 195 18.81 -14.55 12.97
C GLN A 195 18.35 -14.30 11.55
N VAL A 196 18.88 -13.27 10.91
CA VAL A 196 18.39 -12.86 9.59
C VAL A 196 19.46 -13.15 8.56
N THR A 197 19.16 -14.02 7.59
CA THR A 197 20.13 -14.38 6.57
C THR A 197 19.82 -13.65 5.26
N HIS A 198 20.84 -12.99 4.72
CA HIS A 198 20.71 -12.21 3.51
C HIS A 198 21.94 -12.47 2.66
N GLU A 199 21.75 -13.18 1.55
CA GLU A 199 22.82 -13.45 0.60
C GLU A 199 23.97 -14.21 1.28
N GLY A 200 23.63 -15.32 1.94
CA GLY A 200 24.60 -16.18 2.55
C GLY A 200 25.28 -15.63 3.78
N SER A 201 24.91 -14.43 4.23
CA SER A 201 25.46 -13.84 5.45
C SER A 201 24.34 -13.50 6.42
N THR A 202 24.64 -13.54 7.70
CA THR A 202 23.61 -13.56 8.74
C THR A 202 23.89 -12.51 9.80
N VAL A 203 22.85 -11.77 10.19
CA VAL A 203 22.89 -10.84 11.31
C VAL A 203 22.02 -11.42 12.41
N GLU A 204 22.56 -11.51 13.64
CA GLU A 204 21.86 -12.10 14.77
C GLU A 204 21.76 -11.10 15.91
N LYS A 205 20.55 -10.89 16.43
CA LYS A 205 20.33 -10.03 17.58
C LYS A 205 19.80 -10.88 18.71
N THR A 206 20.18 -10.54 19.95
CA THR A 206 19.78 -11.34 21.10
C THR A 206 19.10 -10.43 22.12
N VAL A 207 18.08 -10.95 22.79
CA VAL A 207 17.50 -10.28 23.94
C VAL A 207 17.34 -11.25 25.09
N ALA A 208 17.35 -10.72 26.31
CA ALA A 208 17.22 -11.50 27.52
C ALA A 208 16.22 -10.85 28.47
N LEU A 209 15.63 -11.68 29.31
CA LEU A 209 14.61 -11.29 30.28
C LEU A 209 15.15 -10.56 31.51
N GLN B 1 -8.07 23.14 -4.02
CA GLN B 1 -7.88 22.11 -5.03
C GLN B 1 -8.72 20.93 -4.68
N VAL B 2 -9.22 20.25 -5.72
CA VAL B 2 -10.22 19.21 -5.52
C VAL B 2 -9.56 18.02 -4.83
N GLN B 3 -10.28 17.44 -3.87
CA GLN B 3 -9.81 16.26 -3.18
C GLN B 3 -10.97 15.29 -3.10
N LEU B 4 -10.66 13.99 -3.25
CA LEU B 4 -11.64 12.93 -3.18
C LEU B 4 -11.31 12.04 -1.98
N GLN B 5 -12.32 11.66 -1.23
CA GLN B 5 -12.13 10.86 -0.03
C GLN B 5 -13.13 9.71 0.00
N GLU B 6 -12.63 8.48 -0.08
CA GLU B 6 -13.46 7.30 0.02
C GLU B 6 -13.93 7.10 1.45
N SER B 7 -15.04 6.38 1.59
CA SER B 7 -15.56 6.01 2.89
C SER B 7 -14.61 5.00 3.56
N ARG B 8 -14.94 4.64 4.80
CA ARG B 8 -13.98 3.97 5.65
C ARG B 8 -13.75 2.54 5.17
N PRO B 9 -12.54 2.03 5.33
CA PRO B 9 -12.23 0.65 4.93
C PRO B 9 -12.82 -0.35 5.91
N GLY B 10 -12.82 -1.61 5.49
CA GLY B 10 -13.24 -2.67 6.41
C GLY B 10 -13.73 -3.88 5.65
N LEU B 11 -14.41 -4.76 6.38
CA LEU B 11 -14.83 -6.00 5.76
C LEU B 11 -16.28 -5.94 5.30
N VAL B 12 -16.58 -6.81 4.33
CA VAL B 12 -17.94 -7.07 3.88
C VAL B 12 -18.13 -8.57 3.95
N LYS B 13 -19.26 -9.01 4.50
CA LYS B 13 -19.53 -10.43 4.62
C LYS B 13 -19.86 -11.05 3.26
N PRO B 14 -19.51 -12.33 3.05
CA PRO B 14 -19.80 -12.95 1.76
C PRO B 14 -21.29 -12.94 1.49
N SER B 15 -21.66 -12.67 0.24
CA SER B 15 -23.02 -12.59 -0.27
C SER B 15 -23.71 -11.27 0.10
N GLU B 16 -23.14 -10.43 0.98
CA GLU B 16 -23.74 -9.13 1.26
C GLU B 16 -23.35 -8.12 0.19
N THR B 17 -23.85 -6.89 0.34
CA THR B 17 -23.58 -5.83 -0.61
C THR B 17 -22.52 -4.89 -0.05
N LEU B 18 -21.46 -4.68 -0.83
CA LEU B 18 -20.44 -3.67 -0.52
C LEU B 18 -21.02 -2.30 -0.85
N SER B 19 -20.98 -1.38 0.11
CA SER B 19 -21.46 -0.02 -0.09
C SER B 19 -20.35 0.95 0.23
N LEU B 20 -19.94 1.75 -0.75
CA LEU B 20 -18.91 2.77 -0.55
C LEU B 20 -19.44 4.13 -1.00
N SER B 21 -18.86 5.18 -0.45
CA SER B 21 -19.10 6.53 -0.95
C SER B 21 -17.78 7.25 -1.13
N CYS B 22 -17.84 8.32 -1.93
CA CYS B 22 -16.71 9.23 -2.16
C CYS B 22 -17.22 10.66 -1.98
N THR B 23 -16.54 11.43 -1.13
CA THR B 23 -16.88 12.84 -0.91
C THR B 23 -15.91 13.71 -1.71
N VAL B 24 -16.45 14.62 -2.51
CA VAL B 24 -15.67 15.55 -3.32
C VAL B 24 -15.61 16.87 -2.56
N SER B 25 -14.40 17.35 -2.30
CA SER B 25 -14.20 18.63 -1.62
C SER B 25 -13.35 19.53 -2.50
N GLY B 26 -13.50 20.83 -2.31
CA GLY B 26 -12.66 21.75 -3.06
C GLY B 26 -13.13 22.05 -4.45
N GLY B 27 -14.29 21.56 -4.86
CA GLY B 27 -14.71 21.73 -6.24
C GLY B 27 -16.09 21.16 -6.46
N SER B 28 -16.60 21.43 -7.66
CA SER B 28 -17.95 21.08 -8.05
C SER B 28 -17.99 19.71 -8.71
N MET B 29 -19.14 19.07 -8.64
CA MET B 29 -19.31 17.81 -9.33
C MET B 29 -19.73 17.98 -10.78
N ARG B 30 -20.18 19.16 -11.18
CA ARG B 30 -20.58 19.36 -12.58
C ARG B 30 -19.43 19.17 -13.57
N SER B 31 -19.78 18.59 -14.72
CA SER B 31 -18.96 18.37 -15.92
C SER B 31 -18.23 17.06 -15.89
N TYR B 32 -18.19 16.38 -14.74
CA TYR B 32 -17.26 15.27 -14.56
C TYR B 32 -17.94 13.91 -14.52
N TYR B 33 -17.12 12.90 -14.75
CA TYR B 33 -17.50 11.49 -14.85
C TYR B 33 -16.93 10.77 -13.65
N TRP B 34 -17.75 10.62 -12.62
CA TRP B 34 -17.25 10.17 -11.31
C TRP B 34 -17.11 8.66 -11.30
N SER B 35 -15.88 8.16 -11.14
CA SER B 35 -15.54 6.79 -11.51
C SER B 35 -15.13 5.95 -10.30
N TRP B 36 -15.39 4.65 -10.39
CA TRP B 36 -14.88 3.66 -9.44
C TRP B 36 -13.95 2.69 -10.16
N ILE B 37 -12.79 2.42 -9.56
CA ILE B 37 -11.75 1.54 -10.07
C ILE B 37 -11.28 0.69 -8.89
N ARG B 38 -10.92 -0.57 -9.14
CA ARG B 38 -10.34 -1.35 -8.05
C ARG B 38 -9.04 -2.02 -8.45
N GLN B 39 -8.26 -2.38 -7.44
CA GLN B 39 -6.94 -2.96 -7.63
C GLN B 39 -6.69 -4.07 -6.61
N SER B 40 -6.15 -5.18 -7.07
CA SER B 40 -5.58 -6.16 -6.15
C SER B 40 -4.42 -6.83 -6.85
N PRO B 41 -3.45 -7.37 -6.11
CA PRO B 41 -2.23 -7.88 -6.77
C PRO B 41 -2.58 -8.97 -7.77
N GLY B 42 -1.95 -8.89 -8.94
CA GLY B 42 -2.25 -9.81 -10.03
C GLY B 42 -3.46 -9.42 -10.85
N LYS B 43 -4.40 -8.71 -10.22
CA LYS B 43 -5.61 -8.22 -10.86
C LYS B 43 -5.40 -6.94 -11.65
N GLY B 44 -4.27 -6.24 -11.41
CA GLY B 44 -4.06 -4.92 -11.97
C GLY B 44 -5.21 -3.99 -11.59
N LEU B 45 -5.38 -2.95 -12.39
CA LEU B 45 -6.46 -1.99 -12.24
C LEU B 45 -7.67 -2.44 -13.05
N GLU B 46 -8.84 -2.44 -12.43
CA GLU B 46 -10.09 -2.79 -13.10
C GLU B 46 -11.06 -1.64 -12.97
N TRP B 47 -11.54 -1.13 -14.12
CA TRP B 47 -12.59 -0.12 -14.11
C TRP B 47 -13.92 -0.76 -13.73
N ILE B 48 -14.64 -0.16 -12.79
CA ILE B 48 -15.96 -0.66 -12.36
C ILE B 48 -17.10 0.03 -13.09
N GLY B 49 -17.06 1.36 -13.11
CA GLY B 49 -18.07 2.14 -13.81
C GLY B 49 -17.94 3.61 -13.46
N TYR B 50 -18.83 4.41 -14.04
CA TYR B 50 -18.87 5.82 -13.70
C TYR B 50 -20.31 6.33 -13.71
N VAL B 51 -20.51 7.46 -13.05
CA VAL B 51 -21.78 8.18 -13.09
C VAL B 51 -21.49 9.62 -13.47
N TYR B 52 -22.18 10.10 -14.50
CA TYR B 52 -22.10 11.52 -14.83
C TYR B 52 -22.86 12.33 -13.79
N TYR B 53 -22.46 13.58 -13.62
CA TYR B 53 -23.02 14.52 -12.65
C TYR B 53 -24.53 14.44 -12.50
N SER B 54 -25.24 14.32 -13.61
CA SER B 54 -26.70 14.41 -13.59
C SER B 54 -27.40 13.08 -13.39
N GLY B 55 -26.66 11.96 -13.43
CA GLY B 55 -27.26 10.69 -13.04
C GLY B 55 -27.03 9.51 -13.96
N GLY B 56 -26.64 9.78 -15.22
CA GLY B 56 -26.40 8.69 -16.16
C GLY B 56 -25.16 7.90 -15.78
N THR B 57 -25.19 6.59 -16.09
CA THR B 57 -24.17 5.65 -15.64
C THR B 57 -23.68 4.80 -16.81
N GLU B 58 -22.49 4.22 -16.62
CA GLU B 58 -21.89 3.29 -17.57
C GLU B 58 -21.04 2.31 -16.76
N TYR B 59 -21.16 1.02 -17.04
CA TYR B 59 -20.60 -0.03 -16.19
C TYR B 59 -19.73 -1.00 -16.98
N ASN B 60 -18.79 -1.60 -16.26
CA ASN B 60 -18.00 -2.69 -16.81
C ASN B 60 -18.93 -3.86 -17.13
N PRO B 61 -18.92 -4.38 -18.36
CA PRO B 61 -19.87 -5.46 -18.71
C PRO B 61 -19.75 -6.67 -17.81
N SER B 62 -18.55 -6.98 -17.31
CA SER B 62 -18.36 -8.16 -16.47
C SER B 62 -18.97 -7.99 -15.08
N LEU B 63 -19.28 -6.76 -14.69
CA LEU B 63 -19.87 -6.49 -13.38
C LEU B 63 -21.26 -5.87 -13.48
N LYS B 64 -21.75 -5.56 -14.68
CA LYS B 64 -22.96 -4.75 -14.81
C LYS B 64 -24.13 -5.36 -14.04
N SER B 65 -24.18 -6.69 -13.95
CA SER B 65 -25.30 -7.34 -13.28
C SER B 65 -25.28 -7.18 -11.76
N ARG B 66 -24.17 -6.72 -11.18
CA ARG B 66 -24.04 -6.63 -9.73
C ARG B 66 -23.78 -5.22 -9.22
N VAL B 67 -23.72 -4.21 -10.08
CA VAL B 67 -23.17 -2.90 -9.74
C VAL B 67 -24.24 -1.84 -9.94
N ILE B 68 -24.37 -0.94 -8.96
CA ILE B 68 -25.11 0.31 -9.11
C ILE B 68 -24.22 1.45 -8.64
N ILE B 69 -24.05 2.47 -9.47
CA ILE B 69 -23.39 3.72 -9.06
C ILE B 69 -24.42 4.83 -9.09
N SER B 70 -24.40 5.69 -8.08
CA SER B 70 -25.33 6.82 -7.99
C SER B 70 -24.60 8.05 -7.49
N VAL B 71 -25.29 9.19 -7.53
CA VAL B 71 -24.69 10.46 -7.16
C VAL B 71 -25.69 11.27 -6.33
N ASP B 72 -25.18 11.98 -5.32
CA ASP B 72 -25.93 12.90 -4.47
C ASP B 72 -25.26 14.26 -4.56
N THR B 73 -25.63 15.06 -5.56
CA THR B 73 -24.97 16.35 -5.74
C THR B 73 -25.22 17.27 -4.54
N SER B 74 -26.34 17.09 -3.84
CA SER B 74 -26.63 17.88 -2.65
C SER B 74 -25.60 17.70 -1.55
N LYS B 75 -24.89 16.57 -1.52
CA LYS B 75 -23.84 16.36 -0.54
C LYS B 75 -22.46 16.22 -1.17
N ASN B 76 -22.32 16.50 -2.46
CA ASN B 76 -21.05 16.36 -3.16
C ASN B 76 -20.47 14.95 -2.95
N GLN B 77 -21.32 13.95 -3.14
CA GLN B 77 -20.93 12.55 -2.92
C GLN B 77 -21.41 11.70 -4.09
N PHE B 78 -20.70 10.61 -4.35
CA PHE B 78 -21.24 9.57 -5.20
C PHE B 78 -20.90 8.24 -4.56
N SER B 79 -21.58 7.19 -5.01
CA SER B 79 -21.59 5.93 -4.26
C SER B 79 -21.49 4.74 -5.20
N LEU B 80 -21.03 3.62 -4.62
CA LEU B 80 -20.96 2.35 -5.32
C LEU B 80 -21.63 1.31 -4.45
N ASN B 81 -22.51 0.51 -5.05
CA ASN B 81 -23.03 -0.68 -4.41
C ASN B 81 -22.73 -1.88 -5.30
N LEU B 82 -22.06 -2.87 -4.72
CA LEU B 82 -21.65 -4.08 -5.42
C LEU B 82 -22.28 -5.22 -4.65
N SER B 83 -23.24 -5.91 -5.27
CA SER B 83 -23.99 -6.92 -4.56
C SER B 83 -23.35 -8.31 -4.68
N SER B 84 -23.78 -9.22 -3.79
CA SER B 84 -23.40 -10.64 -3.80
C SER B 84 -21.89 -10.83 -3.84
N VAL B 85 -21.18 -10.18 -2.92
CA VAL B 85 -19.72 -10.21 -3.00
C VAL B 85 -19.17 -11.59 -2.63
N SER B 86 -17.97 -11.86 -3.15
CA SER B 86 -17.20 -13.05 -2.77
C SER B 86 -15.74 -12.64 -2.62
N ALA B 87 -14.89 -13.62 -2.30
CA ALA B 87 -13.46 -13.32 -2.14
C ALA B 87 -12.87 -12.63 -3.37
N ALA B 88 -13.43 -12.88 -4.55
CA ALA B 88 -12.92 -12.22 -5.76
C ALA B 88 -13.06 -10.71 -5.71
N ASP B 89 -13.89 -10.18 -4.82
CA ASP B 89 -14.12 -8.74 -4.75
C ASP B 89 -13.24 -8.05 -3.71
N THR B 90 -12.41 -8.81 -2.98
CA THR B 90 -11.44 -8.20 -2.08
C THR B 90 -10.46 -7.37 -2.91
N ALA B 91 -10.32 -6.09 -2.54
CA ALA B 91 -9.49 -5.19 -3.33
C ALA B 91 -9.37 -3.85 -2.62
N VAL B 92 -8.47 -3.01 -3.13
CA VAL B 92 -8.47 -1.59 -2.82
C VAL B 92 -9.37 -0.90 -3.83
N TYR B 93 -10.37 -0.18 -3.35
CA TYR B 93 -11.32 0.53 -4.20
C TYR B 93 -10.97 2.02 -4.24
N TYR B 94 -10.86 2.58 -5.44
CA TYR B 94 -10.54 3.99 -5.66
C TYR B 94 -11.72 4.71 -6.30
N CYS B 95 -11.98 5.93 -5.84
CA CYS B 95 -12.79 6.84 -6.62
C CYS B 95 -11.85 7.76 -7.40
N ALA B 96 -12.31 8.21 -8.56
CA ALA B 96 -11.48 9.07 -9.39
C ALA B 96 -12.36 10.00 -10.21
N ARG B 97 -11.79 11.13 -10.59
CA ARG B 97 -12.49 12.12 -11.38
C ARG B 97 -12.15 11.91 -12.85
N GLY B 98 -13.16 11.54 -13.64
CA GLY B 98 -12.99 11.43 -15.08
C GLY B 98 -13.31 12.75 -15.74
N VAL B 99 -12.45 13.16 -16.67
CA VAL B 99 -12.56 14.45 -17.35
C VAL B 99 -12.70 14.19 -18.84
N SER B 100 -13.66 14.86 -19.48
CA SER B 100 -13.80 14.76 -20.92
C SER B 100 -13.09 15.95 -21.57
N ALA B 101 -12.56 15.74 -22.77
CA ALA B 101 -11.84 16.78 -23.49
C ALA B 101 -12.22 16.74 -24.95
N LEU B 102 -12.79 17.83 -25.45
CA LEU B 102 -13.28 17.90 -26.81
C LEU B 102 -12.14 18.20 -27.79
N VAL B 103 -12.06 17.42 -28.87
CA VAL B 103 -11.07 17.61 -29.92
C VAL B 103 -11.69 18.13 -31.20
N SER B 104 -12.81 17.56 -31.61
CA SER B 104 -13.53 17.97 -32.81
C SER B 104 -15.01 17.67 -32.63
N VAL B 105 -15.81 18.09 -33.60
CA VAL B 105 -17.26 17.92 -33.48
C VAL B 105 -17.66 16.46 -33.31
N ASP B 106 -16.80 15.52 -33.70
CA ASP B 106 -17.15 14.11 -33.60
C ASP B 106 -16.07 13.29 -32.90
N TYR B 107 -15.20 13.91 -32.09
CA TYR B 107 -14.27 13.14 -31.29
C TYR B 107 -13.90 13.89 -30.01
N TYR B 108 -13.91 13.15 -28.90
CA TYR B 108 -13.42 13.64 -27.62
C TYR B 108 -12.79 12.46 -26.90
N TYR B 109 -11.97 12.76 -25.89
CA TYR B 109 -11.31 11.72 -25.10
C TYR B 109 -11.52 11.99 -23.61
N TYR B 110 -11.10 11.03 -22.79
CA TYR B 110 -11.21 11.15 -21.34
C TYR B 110 -9.89 10.83 -20.65
N TYR B 111 -9.77 11.26 -19.39
CA TYR B 111 -8.68 10.83 -18.52
C TYR B 111 -9.14 10.93 -17.06
N MET B 112 -8.44 10.21 -16.17
CA MET B 112 -8.77 10.27 -14.74
C MET B 112 -7.64 11.05 -14.05
N ASP B 113 -7.92 12.30 -13.67
CA ASP B 113 -6.82 13.11 -13.17
C ASP B 113 -6.71 13.12 -11.65
N VAL B 114 -7.80 13.30 -10.92
CA VAL B 114 -7.75 13.33 -9.47
C VAL B 114 -8.22 12.00 -8.94
N TRP B 115 -7.43 11.39 -8.07
CA TRP B 115 -7.75 10.09 -7.49
C TRP B 115 -7.93 10.20 -5.98
N GLY B 116 -8.81 9.37 -5.44
CA GLY B 116 -8.88 9.23 -4.01
C GLY B 116 -7.69 8.44 -3.50
N LYS B 117 -7.66 8.22 -2.20
CA LYS B 117 -6.51 7.55 -1.61
C LYS B 117 -6.62 6.03 -1.63
N GLY B 118 -7.79 5.50 -1.96
CA GLY B 118 -8.05 4.07 -1.93
C GLY B 118 -8.62 3.64 -0.59
N THR B 119 -9.58 2.73 -0.61
CA THR B 119 -10.07 2.14 0.62
C THR B 119 -10.00 0.61 0.52
N THR B 120 -9.40 0.00 1.54
CA THR B 120 -9.11 -1.42 1.53
C THR B 120 -10.35 -2.19 1.97
N VAL B 121 -10.88 -3.03 1.08
CA VAL B 121 -12.09 -3.81 1.33
C VAL B 121 -11.72 -5.29 1.36
N THR B 122 -12.09 -5.99 2.44
CA THR B 122 -11.78 -7.41 2.60
C THR B 122 -13.11 -8.15 2.66
N VAL B 123 -13.32 -9.10 1.76
CA VAL B 123 -14.53 -9.93 1.84
C VAL B 123 -14.24 -11.13 2.72
N SER B 124 -14.99 -11.26 3.81
CA SER B 124 -14.62 -12.21 4.86
C SER B 124 -15.82 -12.51 5.75
N SER B 125 -15.95 -13.78 6.13
CA SER B 125 -16.98 -14.13 7.08
C SER B 125 -16.54 -13.98 8.53
N ALA B 126 -15.27 -13.68 8.77
CA ALA B 126 -14.75 -13.45 10.11
C ALA B 126 -15.26 -12.11 10.66
N SER B 127 -15.00 -11.88 11.96
CA SER B 127 -15.43 -10.67 12.65
C SER B 127 -14.33 -9.61 12.69
N THR B 128 -14.75 -8.36 12.58
CA THR B 128 -13.86 -7.23 12.84
C THR B 128 -13.42 -7.29 14.31
N LYS B 129 -12.16 -6.93 14.56
CA LYS B 129 -11.61 -6.98 15.93
C LYS B 129 -10.62 -5.84 16.08
N GLY B 130 -10.84 -4.95 17.07
CA GLY B 130 -9.93 -3.84 17.31
C GLY B 130 -8.61 -4.30 17.90
N PRO B 131 -7.57 -3.49 17.78
CA PRO B 131 -6.24 -3.93 18.17
C PRO B 131 -5.97 -3.72 19.66
N SER B 132 -4.98 -4.46 20.15
CA SER B 132 -4.36 -4.23 21.45
C SER B 132 -2.99 -3.62 21.17
N VAL B 133 -2.72 -2.44 21.74
CA VAL B 133 -1.49 -1.70 21.43
C VAL B 133 -0.57 -1.77 22.64
N PHE B 134 0.66 -2.23 22.42
CA PHE B 134 1.64 -2.28 23.48
C PHE B 134 2.85 -1.44 23.10
N PRO B 135 3.50 -0.82 24.09
CA PRO B 135 4.70 -0.03 23.79
C PRO B 135 5.90 -0.94 23.59
N LEU B 136 6.76 -0.52 22.66
CA LEU B 136 8.07 -1.16 22.43
C LEU B 136 9.11 -0.18 22.97
N ALA B 137 9.46 -0.36 24.24
CA ALA B 137 10.30 0.62 24.92
C ALA B 137 11.71 0.60 24.34
N PRO B 138 12.37 1.74 24.23
CA PRO B 138 13.77 1.72 23.85
C PRO B 138 14.60 1.03 24.93
N SER B 139 15.63 0.31 24.48
CA SER B 139 16.55 -0.33 25.42
C SER B 139 17.07 0.72 26.39
N SER B 140 17.52 0.30 27.59
CA SER B 140 17.96 1.27 28.59
C SER B 140 19.12 2.13 28.06
N LYS B 141 20.09 1.51 27.40
CA LYS B 141 21.12 2.25 26.69
C LYS B 141 21.06 1.91 25.20
N SER B 142 21.44 2.87 24.37
CA SER B 142 21.54 2.66 22.92
C SER B 142 22.49 1.51 22.62
N THR B 143 22.23 0.81 21.50
CA THR B 143 23.23 -0.10 20.93
C THR B 143 23.56 0.30 19.50
N SER B 144 23.24 1.54 19.12
CA SER B 144 23.37 2.01 17.75
C SER B 144 24.20 3.28 17.67
N GLY B 145 25.02 3.57 18.68
CA GLY B 145 25.92 4.69 18.58
C GLY B 145 25.33 6.02 18.98
N GLY B 146 24.18 6.03 19.62
CA GLY B 146 23.64 7.30 20.08
C GLY B 146 22.18 7.53 19.70
N THR B 147 21.57 6.56 19.05
CA THR B 147 20.15 6.67 18.73
C THR B 147 19.39 5.62 19.54
N ALA B 148 18.12 5.90 19.73
CA ALA B 148 17.21 5.01 20.46
C ALA B 148 16.11 4.60 19.51
N ALA B 149 15.85 3.29 19.43
CA ALA B 149 14.72 2.80 18.62
C ALA B 149 13.59 2.47 19.58
N LEU B 150 12.42 3.08 19.36
CA LEU B 150 11.27 2.77 20.18
C LEU B 150 10.07 2.60 19.27
N GLY B 151 9.03 1.94 19.75
CA GLY B 151 7.95 1.71 18.82
C GLY B 151 6.67 1.34 19.52
N CYS B 152 5.72 0.87 18.71
CA CYS B 152 4.43 0.38 19.20
C CYS B 152 4.10 -0.89 18.44
N LEU B 153 3.62 -1.89 19.19
CA LEU B 153 3.16 -3.15 18.63
C LEU B 153 1.64 -3.12 18.60
N VAL B 154 1.06 -3.29 17.43
CA VAL B 154 -0.39 -3.23 17.24
C VAL B 154 -0.81 -4.67 17.02
N LYS B 155 -1.42 -5.29 18.02
CA LYS B 155 -1.56 -6.74 18.08
C LYS B 155 -3.01 -7.21 17.88
N ASP B 156 -3.16 -8.28 17.10
CA ASP B 156 -4.38 -9.10 17.05
C ASP B 156 -5.61 -8.31 16.57
N TYR B 157 -5.51 -7.72 15.38
CA TYR B 157 -6.66 -6.98 14.83
C TYR B 157 -7.15 -7.64 13.55
N PHE B 158 -8.34 -7.22 13.10
CA PHE B 158 -8.92 -7.69 11.85
C PHE B 158 -10.03 -6.75 11.43
N PRO B 159 -10.19 -6.46 10.15
CA PRO B 159 -9.32 -6.73 9.02
C PRO B 159 -8.25 -5.65 8.90
N GLU B 160 -7.46 -5.69 7.83
CA GLU B 160 -6.64 -4.54 7.46
C GLU B 160 -7.56 -3.36 7.13
N PRO B 161 -7.05 -2.11 7.17
CA PRO B 161 -5.72 -1.63 7.48
C PRO B 161 -5.62 -0.92 8.83
N VAL B 162 -4.40 -0.68 9.26
CA VAL B 162 -4.10 0.18 10.40
C VAL B 162 -3.13 1.24 9.91
N THR B 163 -3.31 2.47 10.38
CA THR B 163 -2.32 3.51 10.14
C THR B 163 -1.72 3.97 11.46
N VAL B 164 -0.45 4.37 11.42
CA VAL B 164 0.25 4.80 12.60
C VAL B 164 0.93 6.12 12.30
N SER B 165 0.81 7.08 13.21
CA SER B 165 1.61 8.29 13.18
C SER B 165 2.25 8.43 14.54
N TRP B 166 3.15 9.43 14.65
CA TRP B 166 3.86 9.68 15.91
C TRP B 166 3.70 11.13 16.26
N ASN B 167 3.39 11.40 17.54
CA ASN B 167 3.22 12.76 18.05
C ASN B 167 2.26 13.56 17.16
N SER B 168 1.14 12.91 16.82
CA SER B 168 0.05 13.50 16.02
C SER B 168 0.52 14.02 14.66
N GLY B 169 1.56 13.41 14.11
CA GLY B 169 2.10 13.82 12.83
C GLY B 169 3.26 14.80 12.89
N ALA B 170 3.62 15.28 14.08
CA ALA B 170 4.75 16.21 14.17
C ALA B 170 6.09 15.52 13.95
N LEU B 171 6.15 14.21 14.20
CA LEU B 171 7.37 13.42 14.08
C LEU B 171 7.22 12.50 12.89
N THR B 172 8.02 12.73 11.84
CA THR B 172 7.94 11.90 10.65
C THR B 172 9.33 11.38 10.27
N SER B 173 10.37 12.12 10.63
CA SER B 173 11.73 11.69 10.33
C SER B 173 12.07 10.46 11.16
N GLY B 174 12.55 9.42 10.49
CA GLY B 174 12.99 8.22 11.16
C GLY B 174 11.87 7.29 11.57
N VAL B 175 10.68 7.46 11.00
CA VAL B 175 9.53 6.62 11.29
C VAL B 175 9.47 5.50 10.26
N HIS B 176 9.30 4.26 10.72
CA HIS B 176 9.13 3.17 9.79
C HIS B 176 7.98 2.30 10.31
N THR B 177 6.89 2.24 9.57
CA THR B 177 5.77 1.38 9.94
C THR B 177 5.83 0.16 9.02
N PHE B 178 5.89 -1.03 9.62
CA PHE B 178 6.11 -2.27 8.91
C PHE B 178 4.79 -2.91 8.54
N PRO B 179 4.70 -3.47 7.33
CA PRO B 179 3.48 -4.16 6.93
C PRO B 179 3.16 -5.29 7.89
N ALA B 180 1.86 -5.59 8.03
CA ALA B 180 1.42 -6.51 9.06
C ALA B 180 1.81 -7.96 8.74
N VAL B 181 1.96 -8.75 9.81
CA VAL B 181 2.06 -10.21 9.70
C VAL B 181 0.68 -10.78 9.94
N LEU B 182 0.33 -11.85 9.22
CA LEU B 182 -0.92 -12.58 9.49
C LEU B 182 -0.59 -13.78 10.37
N GLN B 183 -1.13 -13.80 11.57
CA GLN B 183 -0.79 -14.88 12.50
C GLN B 183 -1.64 -16.11 12.24
N SER B 184 -1.26 -17.23 12.87
CA SER B 184 -2.03 -18.47 12.67
C SER B 184 -3.44 -18.37 13.25
N SER B 185 -3.69 -17.42 14.16
CA SER B 185 -5.05 -17.16 14.63
C SER B 185 -5.95 -16.56 13.55
N GLY B 186 -5.37 -16.13 12.43
CA GLY B 186 -6.10 -15.40 11.42
C GLY B 186 -6.22 -13.92 11.69
N LEU B 187 -5.58 -13.41 12.74
CA LEU B 187 -5.54 -11.97 13.01
C LEU B 187 -4.19 -11.37 12.61
N TYR B 188 -4.19 -10.05 12.37
CA TYR B 188 -2.98 -9.32 11.97
C TYR B 188 -2.28 -8.69 13.17
N SER B 189 -0.96 -8.52 13.04
CA SER B 189 -0.18 -7.70 13.96
C SER B 189 0.82 -6.89 13.15
N LEU B 190 1.07 -5.64 13.57
CA LEU B 190 2.12 -4.87 12.91
C LEU B 190 2.84 -4.04 13.95
N SER B 191 3.98 -3.47 13.56
CA SER B 191 4.77 -2.64 14.44
C SER B 191 5.20 -1.38 13.72
N SER B 192 5.32 -0.28 14.45
CA SER B 192 5.87 0.96 13.91
C SER B 192 7.01 1.36 14.82
N VAL B 193 8.15 1.75 14.25
CA VAL B 193 9.33 2.10 15.06
C VAL B 193 9.84 3.46 14.61
N VAL B 194 10.28 4.25 15.56
CA VAL B 194 10.92 5.53 15.25
C VAL B 194 12.30 5.53 15.89
N THR B 195 13.29 6.08 15.18
CA THR B 195 14.65 6.16 15.69
C THR B 195 14.96 7.62 15.96
N VAL B 196 15.33 7.93 17.21
CA VAL B 196 15.50 9.30 17.68
C VAL B 196 16.85 9.40 18.39
N PRO B 197 17.35 10.62 18.61
CA PRO B 197 18.58 10.75 19.41
C PRO B 197 18.36 10.30 20.84
N SER B 198 19.35 9.60 21.41
CA SER B 198 19.24 9.14 22.78
C SER B 198 18.93 10.27 23.75
N SER B 199 19.54 11.44 23.57
CA SER B 199 19.30 12.52 24.52
C SER B 199 17.86 13.00 24.53
N SER B 200 17.13 12.81 23.43
CA SER B 200 15.77 13.34 23.39
C SER B 200 14.82 12.53 24.28
N LEU B 201 15.23 11.36 24.75
CA LEU B 201 14.36 10.60 25.64
C LEU B 201 14.06 11.39 26.92
N GLY B 202 14.96 12.28 27.33
CA GLY B 202 14.67 13.08 28.50
C GLY B 202 13.84 14.32 28.20
N THR B 203 13.86 14.80 26.96
CA THR B 203 13.28 16.10 26.66
C THR B 203 12.03 16.06 25.81
N GLN B 204 11.71 14.90 25.21
CA GLN B 204 10.61 14.79 24.27
C GLN B 204 9.73 13.61 24.68
N THR B 205 8.41 13.81 24.61
CA THR B 205 7.47 12.72 24.83
C THR B 205 7.17 12.06 23.50
N TYR B 206 7.12 10.73 23.49
CA TYR B 206 6.85 9.99 22.26
C TYR B 206 5.53 9.24 22.41
N ILE B 207 4.61 9.48 21.47
CA ILE B 207 3.27 8.92 21.51
C ILE B 207 2.98 8.39 20.11
N CYS B 208 2.65 7.10 20.01
CA CYS B 208 2.22 6.58 18.72
C CYS B 208 0.70 6.66 18.62
N ASN B 209 0.22 7.12 17.46
CA ASN B 209 -1.22 7.30 17.21
C ASN B 209 -1.66 6.22 16.23
N VAL B 210 -2.42 5.23 16.74
CA VAL B 210 -2.84 4.05 15.99
C VAL B 210 -4.29 4.24 15.61
N ASN B 211 -4.60 4.12 14.32
CA ASN B 211 -5.99 4.22 13.88
C ASN B 211 -6.40 2.90 13.23
N HIS B 212 -7.45 2.26 13.76
CA HIS B 212 -8.01 1.07 13.13
C HIS B 212 -9.43 1.42 12.70
N LYS B 213 -9.56 2.06 11.54
CA LYS B 213 -10.88 2.56 11.13
C LYS B 213 -11.94 1.46 11.06
N PRO B 214 -11.63 0.22 10.64
CA PRO B 214 -12.69 -0.81 10.60
C PRO B 214 -13.41 -1.02 11.92
N SER B 215 -12.74 -0.83 13.06
CA SER B 215 -13.34 -1.04 14.38
C SER B 215 -13.70 0.28 15.07
N ASN B 216 -13.56 1.40 14.36
CA ASN B 216 -13.80 2.74 14.89
C ASN B 216 -13.01 2.99 16.17
N THR B 217 -11.78 2.48 16.20
CA THR B 217 -10.89 2.58 17.35
C THR B 217 -9.62 3.33 16.97
N LYS B 218 -9.21 4.26 17.85
CA LYS B 218 -7.92 4.94 17.78
C LYS B 218 -7.25 4.77 19.14
N VAL B 219 -5.94 4.55 19.16
CA VAL B 219 -5.23 4.42 20.43
C VAL B 219 -4.00 5.31 20.38
N ASP B 220 -3.80 6.11 21.42
CA ASP B 220 -2.58 6.91 21.54
C ASP B 220 -1.80 6.32 22.70
N LYS B 221 -0.64 5.74 22.39
CA LYS B 221 0.15 5.02 23.38
C LYS B 221 1.43 5.79 23.65
N ARG B 222 1.63 6.20 24.90
CA ARG B 222 2.89 6.80 25.25
C ARG B 222 3.94 5.70 25.45
N VAL B 223 5.14 5.92 24.88
CA VAL B 223 6.22 4.94 24.90
C VAL B 223 7.34 5.53 25.75
N GLU B 224 7.51 4.99 26.95
CA GLU B 224 8.49 5.48 27.93
C GLU B 224 9.72 4.59 27.94
N PRO B 225 10.92 5.16 28.12
CA PRO B 225 11.96 4.25 28.60
C PRO B 225 11.69 3.83 30.05
#